data_4M89
#
_entry.id   4M89
#
_cell.length_a   90.770
_cell.length_b   90.770
_cell.length_c   241.270
_cell.angle_alpha   90.00
_cell.angle_beta   90.00
_cell.angle_gamma   120.00
#
_symmetry.space_group_name_H-M   'P 61 2 2'
#
loop_
_entity.id
_entity.type
_entity.pdbx_description
1 polymer 'Enoyl-[acyl-carrier-protein] reductase [NADH]'
2 non-polymer NICOTINAMIDE-ADENINE-DINUCLEOTIDE
3 non-polymer TRICLOSAN
4 water water
#
_entity_poly.entity_id   1
_entity_poly.type   'polypeptide(L)'
_entity_poly.pdbx_seq_one_letter_code
;MGFLQGKKILITGMISERSIAYGIAKACREQGAELAFTYVVDKLEERVRKMAAELDSELVFRCDVASDDEINQVFADLGK
HWDGLDGLVHSIGFAPKEALSGDFLDSISREAFNTAHEISAYSLPALAKAARPMMRGRNSAIVALSYLGAVRAIPNYNVM
GMAKASLEAGIRFTAACLGKEGIRCNGISAGPIKTLAASGIADFGKLLGHVAAHNPLRRNVTIEEVGNTAAFLLSDLSSG
ITGEITYVDGGYSINALSTEG
;
_entity_poly.pdbx_strand_id   A,B
#
loop_
_chem_comp.id
_chem_comp.type
_chem_comp.name
_chem_comp.formula
NAD non-polymer NICOTINAMIDE-ADENINE-DINUCLEOTIDE 'C21 H27 N7 O14 P2'
TCL non-polymer TRICLOSAN 'C12 H7 Cl3 O2'
#
# COMPACT_ATOMS: atom_id res chain seq x y z
N GLY A 2 14.29 -9.17 -11.60
CA GLY A 2 13.35 -8.48 -10.66
C GLY A 2 12.07 -7.98 -11.27
N PHE A 3 11.18 -7.46 -10.44
CA PHE A 3 9.86 -7.08 -10.91
C PHE A 3 9.75 -5.71 -11.62
N LEU A 4 10.89 -5.03 -11.82
CA LEU A 4 10.95 -3.83 -12.65
C LEU A 4 11.90 -4.04 -13.84
N GLN A 5 12.14 -5.30 -14.23
CA GLN A 5 13.18 -5.58 -15.21
C GLN A 5 12.97 -4.78 -16.50
N GLY A 6 13.96 -3.96 -16.86
CA GLY A 6 13.90 -3.18 -18.09
C GLY A 6 13.05 -1.91 -18.03
N LYS A 7 12.32 -1.70 -16.93
CA LYS A 7 11.48 -0.52 -16.78
C LYS A 7 12.36 0.70 -16.65
N LYS A 8 12.00 1.77 -17.35
CA LYS A 8 12.77 2.99 -17.36
C LYS A 8 12.10 4.02 -16.45
N ILE A 9 12.83 4.46 -15.43
CA ILE A 9 12.28 5.24 -14.33
C ILE A 9 13.12 6.50 -14.12
N LEU A 10 12.46 7.66 -14.10
CA LEU A 10 13.10 8.94 -13.83
C LEU A 10 12.86 9.32 -12.38
N ILE A 11 13.95 9.59 -11.65
CA ILE A 11 13.89 9.88 -10.22
C ILE A 11 14.37 11.29 -9.91
N THR A 12 13.49 12.06 -9.26
CA THR A 12 13.85 13.39 -8.78
C THR A 12 14.32 13.31 -7.35
N GLY A 13 15.05 14.32 -6.91
CA GLY A 13 15.32 14.49 -5.50
C GLY A 13 16.44 13.75 -4.81
N MET A 14 17.27 13.04 -5.59
CA MET A 14 18.36 12.28 -5.00
C MET A 14 19.57 13.19 -4.83
N ILE A 15 19.82 13.66 -3.61
CA ILE A 15 20.99 14.53 -3.37
C ILE A 15 22.06 13.96 -2.46
N SER A 16 21.74 12.92 -1.71
CA SER A 16 22.77 12.22 -0.95
C SER A 16 22.32 10.78 -0.74
N GLU A 17 23.19 9.96 -0.17
CA GLU A 17 22.80 8.58 0.17
C GLU A 17 21.82 8.48 1.34
N ARG A 18 21.52 9.60 2.00
CA ARG A 18 20.46 9.64 3.00
C ARG A 18 19.08 9.94 2.38
N SER A 19 19.06 10.45 1.14
CA SER A 19 17.82 10.85 0.47
C SER A 19 16.84 9.71 0.34
N ILE A 20 15.57 10.01 0.57
CA ILE A 20 14.53 9.03 0.27
C ILE A 20 14.67 8.57 -1.19
N ALA A 21 14.95 9.52 -2.07
CA ALA A 21 15.08 9.19 -3.49
C ALA A 21 16.22 8.21 -3.78
N TYR A 22 17.27 8.26 -2.97
CA TYR A 22 18.34 7.28 -3.08
C TYR A 22 17.86 5.87 -2.72
N GLY A 23 17.12 5.77 -1.62
CA GLY A 23 16.54 4.49 -1.24
C GLY A 23 15.62 3.95 -2.32
N ILE A 24 14.82 4.83 -2.92
CA ILE A 24 13.95 4.46 -4.06
C ILE A 24 14.80 3.96 -5.24
N ALA A 25 15.81 4.74 -5.59
CA ALA A 25 16.70 4.41 -6.70
C ALA A 25 17.32 3.04 -6.53
N LYS A 26 17.89 2.82 -5.36
CA LYS A 26 18.54 1.55 -5.07
C LYS A 26 17.56 0.39 -5.13
N ALA A 27 16.40 0.56 -4.49
CA ALA A 27 15.33 -0.44 -4.56
C ALA A 27 14.87 -0.76 -5.99
N CYS A 28 14.75 0.25 -6.83
CA CYS A 28 14.34 0.05 -8.22
C CYS A 28 15.43 -0.67 -9.03
N ARG A 29 16.67 -0.24 -8.84
CA ARG A 29 17.78 -0.87 -9.54
C ARG A 29 17.93 -2.35 -9.15
N GLU A 30 17.74 -2.65 -7.86
CA GLU A 30 17.72 -4.04 -7.38
C GLU A 30 16.66 -4.90 -8.07
N GLN A 31 15.56 -4.28 -8.52
CA GLN A 31 14.51 -5.01 -9.23
C GLN A 31 14.61 -4.92 -10.75
N GLY A 32 15.74 -4.41 -11.24
CA GLY A 32 16.06 -4.45 -12.66
C GLY A 32 15.76 -3.20 -13.46
N ALA A 33 15.31 -2.13 -12.81
CA ALA A 33 14.97 -0.90 -13.52
C ALA A 33 16.22 -0.23 -14.08
N GLU A 34 16.03 0.49 -15.20
CA GLU A 34 17.03 1.42 -15.73
C GLU A 34 16.63 2.81 -15.28
N LEU A 35 17.59 3.55 -14.75
CA LEU A 35 17.32 4.81 -14.09
C LEU A 35 17.89 6.04 -14.78
N ALA A 36 17.21 7.14 -14.52
CA ALA A 36 17.67 8.47 -14.86
C ALA A 36 17.32 9.37 -13.69
N PHE A 37 18.00 10.50 -13.62
CA PHE A 37 17.93 11.38 -12.45
C PHE A 37 17.92 12.84 -12.80
N THR A 38 17.32 13.63 -11.92
CA THR A 38 17.40 15.08 -11.99
C THR A 38 18.11 15.66 -10.77
N TYR A 39 18.61 16.87 -10.91
CA TYR A 39 19.21 17.63 -9.81
C TYR A 39 18.81 19.10 -9.94
N VAL A 40 18.65 19.77 -8.80
CA VAL A 40 18.03 21.10 -8.82
C VAL A 40 18.95 22.19 -9.40
N VAL A 41 20.23 22.15 -9.04
CA VAL A 41 21.19 23.19 -9.49
C VAL A 41 22.54 22.63 -9.91
N ASP A 42 23.28 23.42 -10.69
CA ASP A 42 24.56 22.98 -11.27
C ASP A 42 25.57 22.50 -10.24
N LYS A 43 25.57 23.12 -9.07
CA LYS A 43 26.47 22.78 -7.95
C LYS A 43 26.36 21.32 -7.50
N LEU A 44 25.23 20.69 -7.82
CA LEU A 44 24.97 19.31 -7.42
C LEU A 44 25.25 18.30 -8.53
N GLU A 45 25.53 18.76 -9.74
CA GLU A 45 25.60 17.89 -10.91
C GLU A 45 26.59 16.76 -10.69
N GLU A 46 27.78 17.07 -10.19
CA GLU A 46 28.83 16.06 -10.05
C GLU A 46 28.48 14.98 -9.04
N ARG A 47 27.97 15.42 -7.89
N ARG A 47 27.97 15.42 -7.89
CA ARG A 47 27.55 14.53 -6.84
CA ARG A 47 27.53 14.54 -6.82
C ARG A 47 26.48 13.55 -7.34
C ARG A 47 26.47 13.56 -7.32
N VAL A 48 25.51 14.08 -8.07
CA VAL A 48 24.38 13.28 -8.56
C VAL A 48 24.84 12.35 -9.68
N ARG A 49 25.67 12.85 -10.59
CA ARG A 49 26.27 11.97 -11.62
C ARG A 49 27.03 10.79 -11.02
N LYS A 50 27.76 11.05 -9.95
CA LYS A 50 28.52 10.01 -9.28
C LYS A 50 27.61 8.96 -8.62
N MET A 51 26.54 9.40 -7.96
CA MET A 51 25.58 8.45 -7.38
C MET A 51 24.88 7.67 -8.48
N ALA A 52 24.49 8.37 -9.53
CA ALA A 52 23.86 7.74 -10.70
C ALA A 52 24.74 6.66 -11.31
N ALA A 53 26.03 6.93 -11.45
CA ALA A 53 26.99 5.96 -12.00
C ALA A 53 27.05 4.68 -11.18
N GLU A 54 27.00 4.80 -9.86
CA GLU A 54 26.98 3.63 -8.96
C GLU A 54 25.71 2.82 -9.12
N LEU A 55 24.65 3.48 -9.59
CA LEU A 55 23.38 2.84 -9.91
C LEU A 55 23.25 2.54 -11.41
N ASP A 56 24.40 2.50 -12.10
CA ASP A 56 24.50 2.10 -13.52
C ASP A 56 23.83 3.05 -14.49
N SER A 57 23.76 4.33 -14.13
CA SER A 57 23.12 5.33 -14.99
C SER A 57 24.05 6.47 -15.35
N GLU A 58 23.97 6.91 -16.60
CA GLU A 58 24.65 8.11 -17.08
C GLU A 58 23.64 9.13 -17.57
N LEU A 59 22.39 9.01 -17.12
CA LEU A 59 21.34 9.92 -17.55
C LEU A 59 20.96 10.83 -16.41
N VAL A 60 21.48 12.05 -16.44
CA VAL A 60 21.27 13.00 -15.36
C VAL A 60 21.00 14.38 -15.95
N PHE A 61 19.96 15.06 -15.45
CA PHE A 61 19.45 16.29 -16.03
C PHE A 61 19.16 17.33 -14.95
N ARG A 62 19.41 18.58 -15.27
CA ARG A 62 19.12 19.63 -14.32
C ARG A 62 17.62 19.92 -14.36
N CYS A 63 17.03 20.09 -13.19
CA CYS A 63 15.61 20.44 -13.11
C CYS A 63 15.24 21.13 -11.81
N ASP A 64 15.11 22.45 -11.88
CA ASP A 64 14.49 23.21 -10.82
C ASP A 64 13.01 23.27 -11.15
N VAL A 65 12.18 22.67 -10.31
CA VAL A 65 10.74 22.60 -10.59
C VAL A 65 10.03 23.95 -10.46
N ALA A 66 10.76 24.98 -10.05
CA ALA A 66 10.30 26.35 -10.17
C ALA A 66 10.18 26.78 -11.65
N SER A 67 10.85 26.06 -12.55
CA SER A 67 10.94 26.46 -13.95
C SER A 67 10.21 25.50 -14.89
N ASP A 68 9.15 25.98 -15.52
CA ASP A 68 8.44 25.16 -16.51
C ASP A 68 9.34 24.84 -17.69
N ASP A 69 10.23 25.76 -18.05
CA ASP A 69 11.20 25.51 -19.10
C ASP A 69 12.05 24.29 -18.77
N GLU A 70 12.60 24.27 -17.56
CA GLU A 70 13.50 23.19 -17.17
C GLU A 70 12.78 21.87 -17.06
N ILE A 71 11.57 21.89 -16.48
CA ILE A 71 10.77 20.67 -16.37
C ILE A 71 10.56 20.03 -17.75
N ASN A 72 10.11 20.84 -18.70
CA ASN A 72 9.83 20.30 -20.03
C ASN A 72 11.12 19.91 -20.79
N GLN A 73 12.20 20.63 -20.55
CA GLN A 73 13.48 20.32 -21.17
C GLN A 73 14.03 18.96 -20.73
N VAL A 74 13.75 18.56 -19.49
CA VAL A 74 14.17 17.24 -19.02
C VAL A 74 13.65 16.14 -19.95
N PHE A 75 12.37 16.21 -20.31
CA PHE A 75 11.74 15.13 -21.07
C PHE A 75 12.17 15.18 -22.54
N ALA A 76 12.40 16.37 -23.05
CA ALA A 76 13.00 16.54 -24.37
C ALA A 76 14.37 15.88 -24.44
N ASP A 77 15.21 16.15 -23.45
CA ASP A 77 16.56 15.58 -23.42
C ASP A 77 16.54 14.08 -23.15
N LEU A 78 15.72 13.64 -22.20
CA LEU A 78 15.58 12.22 -21.88
C LEU A 78 15.08 11.44 -23.08
N GLY A 79 14.16 12.04 -23.82
CA GLY A 79 13.55 11.43 -25.01
C GLY A 79 14.51 11.14 -26.16
N LYS A 80 15.68 11.77 -26.15
CA LYS A 80 16.75 11.42 -27.09
C LYS A 80 17.37 10.05 -26.79
N HIS A 81 17.22 9.58 -25.55
CA HIS A 81 17.77 8.29 -25.14
C HIS A 81 16.73 7.20 -24.98
N TRP A 82 15.56 7.58 -24.44
CA TRP A 82 14.51 6.62 -24.15
C TRP A 82 13.30 6.88 -25.03
N ASP A 83 12.72 5.83 -25.58
CA ASP A 83 11.55 6.01 -26.45
C ASP A 83 10.25 6.21 -25.67
N GLY A 84 10.29 5.93 -24.38
CA GLY A 84 9.16 6.12 -23.49
C GLY A 84 9.64 6.07 -22.05
N LEU A 85 8.73 6.37 -21.13
CA LEU A 85 9.06 6.42 -19.71
C LEU A 85 8.07 5.55 -18.94
N ASP A 86 8.58 4.61 -18.14
CA ASP A 86 7.71 3.68 -17.39
C ASP A 86 7.42 4.11 -15.95
N GLY A 87 8.30 4.94 -15.38
CA GLY A 87 8.17 5.35 -13.99
C GLY A 87 8.66 6.76 -13.76
N LEU A 88 7.98 7.45 -12.85
CA LEU A 88 8.35 8.80 -12.48
C LEU A 88 8.24 8.93 -10.97
N VAL A 89 9.32 9.36 -10.35
CA VAL A 89 9.38 9.53 -8.89
C VAL A 89 9.54 11.01 -8.54
N HIS A 90 8.54 11.51 -7.82
CA HIS A 90 8.52 12.83 -7.22
C HIS A 90 8.98 12.67 -5.77
N SER A 91 10.16 13.19 -5.48
CA SER A 91 10.73 13.11 -4.12
C SER A 91 11.41 14.44 -3.80
N ILE A 92 10.60 15.50 -3.78
CA ILE A 92 11.10 16.84 -3.69
C ILE A 92 10.16 17.73 -2.89
N GLY A 93 10.74 18.68 -2.17
CA GLY A 93 9.96 19.61 -1.41
C GLY A 93 10.80 20.79 -0.99
N PHE A 94 10.15 21.90 -0.72
CA PHE A 94 10.82 23.07 -0.19
C PHE A 94 9.84 24.07 0.42
N ALA A 95 10.27 24.66 1.53
CA ALA A 95 9.64 25.84 2.12
C ALA A 95 10.76 26.60 2.86
N PRO A 96 10.65 27.93 2.96
CA PRO A 96 11.65 28.71 3.69
C PRO A 96 11.71 28.22 5.13
N LYS A 97 12.93 28.04 5.62
CA LYS A 97 13.15 27.48 6.95
C LYS A 97 12.41 28.24 8.05
N GLU A 98 12.33 29.56 7.93
CA GLU A 98 11.66 30.40 8.93
C GLU A 98 10.16 30.09 9.10
N ALA A 99 9.53 29.59 8.04
CA ALA A 99 8.13 29.21 8.08
C ALA A 99 7.88 27.89 8.81
N LEU A 100 8.95 27.12 9.08
CA LEU A 100 8.85 25.81 9.72
C LEU A 100 9.38 25.80 11.14
N SER A 101 9.21 26.92 11.83
CA SER A 101 9.70 27.05 13.17
C SER A 101 8.69 27.82 14.00
N GLY A 102 8.16 27.20 15.05
CA GLY A 102 7.35 27.90 16.03
C GLY A 102 5.90 28.08 15.60
N ASP A 103 5.26 29.13 16.11
CA ASP A 103 3.82 29.35 15.94
C ASP A 103 3.45 29.39 14.44
N PHE A 104 2.45 28.60 14.07
CA PHE A 104 2.03 28.43 12.67
C PHE A 104 1.70 29.76 12.01
N LEU A 105 0.85 30.55 12.66
CA LEU A 105 0.44 31.83 12.08
C LEU A 105 1.53 32.89 12.12
N ASP A 106 2.27 32.97 13.22
CA ASP A 106 3.38 33.93 13.28
C ASP A 106 4.44 33.65 12.20
N SER A 107 4.70 32.38 11.92
CA SER A 107 5.78 31.99 11.01
C SER A 107 5.36 32.00 9.55
N ILE A 108 4.05 31.95 9.28
CA ILE A 108 3.59 31.88 7.90
C ILE A 108 3.69 33.27 7.26
N SER A 109 3.81 33.29 5.94
CA SER A 109 3.69 34.50 5.17
C SER A 109 3.16 34.10 3.80
N ARG A 110 2.61 35.05 3.07
CA ARG A 110 2.13 34.82 1.71
C ARG A 110 3.23 34.21 0.82
N GLU A 111 4.42 34.82 0.86
CA GLU A 111 5.52 34.37 0.01
C GLU A 111 5.98 32.95 0.35
N ALA A 112 6.05 32.63 1.65
CA ALA A 112 6.43 31.28 2.08
C ALA A 112 5.37 30.24 1.69
N PHE A 113 4.11 30.60 1.87
CA PHE A 113 2.99 29.76 1.41
C PHE A 113 3.12 29.48 -0.09
N ASN A 114 3.32 30.53 -0.89
CA ASN A 114 3.38 30.37 -2.34
C ASN A 114 4.53 29.47 -2.78
N THR A 115 5.71 29.70 -2.20
CA THR A 115 6.88 28.89 -2.48
C THR A 115 6.67 27.43 -2.10
N ALA A 116 6.20 27.21 -0.88
CA ALA A 116 5.98 25.86 -0.37
C ALA A 116 5.04 25.08 -1.30
N HIS A 117 3.95 25.72 -1.70
CA HIS A 117 2.96 25.03 -2.56
C HIS A 117 3.46 24.81 -3.97
N GLU A 118 4.15 25.81 -4.51
CA GLU A 118 4.66 25.71 -5.87
C GLU A 118 5.70 24.58 -5.98
N ILE A 119 6.66 24.55 -5.07
CA ILE A 119 7.73 23.58 -5.15
C ILE A 119 7.32 22.19 -4.66
N SER A 120 6.56 22.15 -3.56
CA SER A 120 6.14 20.90 -2.93
C SER A 120 4.91 20.23 -3.53
N ALA A 121 3.95 21.00 -4.03
CA ALA A 121 2.68 20.45 -4.50
C ALA A 121 2.45 20.57 -6.01
N TYR A 122 2.60 21.77 -6.56
CA TYR A 122 2.36 21.98 -7.99
C TYR A 122 3.28 21.12 -8.85
N SER A 123 4.50 20.93 -8.36
CA SER A 123 5.51 20.16 -9.05
C SER A 123 5.06 18.74 -9.42
N LEU A 124 4.11 18.16 -8.68
CA LEU A 124 3.61 16.83 -9.03
C LEU A 124 2.78 16.87 -10.32
N PRO A 125 1.67 17.64 -10.36
CA PRO A 125 1.01 17.72 -11.67
C PRO A 125 1.90 18.30 -12.78
N ALA A 126 2.80 19.23 -12.46
CA ALA A 126 3.70 19.79 -13.47
C ALA A 126 4.58 18.69 -14.09
N LEU A 127 5.17 17.83 -13.27
CA LEU A 127 6.00 16.75 -13.79
C LEU A 127 5.17 15.67 -14.52
N ALA A 128 4.00 15.35 -13.98
CA ALA A 128 3.10 14.38 -14.61
C ALA A 128 2.68 14.84 -16.00
N LYS A 129 2.32 16.11 -16.08
CA LYS A 129 1.92 16.74 -17.32
C LYS A 129 3.06 16.70 -18.34
N ALA A 130 4.25 17.10 -17.90
CA ALA A 130 5.42 17.12 -18.82
C ALA A 130 5.84 15.73 -19.28
N ALA A 131 5.62 14.73 -18.42
CA ALA A 131 5.99 13.34 -18.71
C ALA A 131 4.94 12.57 -19.52
N ARG A 132 3.75 13.13 -19.62
CA ARG A 132 2.60 12.39 -20.12
C ARG A 132 2.80 11.79 -21.52
N PRO A 133 3.33 12.57 -22.50
CA PRO A 133 3.58 11.98 -23.83
C PRO A 133 4.49 10.75 -23.78
N MET A 134 5.51 10.77 -22.93
CA MET A 134 6.43 9.65 -22.80
C MET A 134 5.84 8.48 -22.01
N MET A 135 4.89 8.74 -21.10
CA MET A 135 4.34 7.69 -20.20
C MET A 135 3.07 7.00 -20.67
N ARG A 136 2.25 7.69 -21.45
CA ARG A 136 0.93 7.14 -21.75
C ARG A 136 1.00 5.89 -22.60
N GLY A 137 0.06 4.97 -22.35
CA GLY A 137 -0.05 3.73 -23.12
C GLY A 137 0.95 2.67 -22.72
N ARG A 138 1.74 2.92 -21.67
CA ARG A 138 2.78 1.99 -21.24
C ARG A 138 2.47 1.19 -19.97
N ASN A 139 1.28 1.37 -19.41
CA ASN A 139 1.00 0.84 -18.07
C ASN A 139 2.14 1.28 -17.12
N SER A 140 2.31 2.59 -17.08
CA SER A 140 3.39 3.23 -16.35
C SER A 140 2.84 3.77 -15.02
N ALA A 141 3.71 4.39 -14.23
CA ALA A 141 3.33 4.76 -12.87
C ALA A 141 4.17 5.93 -12.33
N ILE A 142 3.50 6.71 -11.48
CA ILE A 142 4.07 7.85 -10.79
C ILE A 142 3.95 7.60 -9.28
N VAL A 143 5.01 7.91 -8.54
CA VAL A 143 4.99 7.85 -7.07
C VAL A 143 5.48 9.20 -6.55
N ALA A 144 4.79 9.74 -5.55
CA ALA A 144 5.20 10.98 -4.88
C ALA A 144 5.26 10.79 -3.37
N LEU A 145 6.13 11.56 -2.72
CA LEU A 145 6.35 11.46 -1.27
C LEU A 145 5.63 12.56 -0.50
N SER A 146 4.84 12.14 0.48
CA SER A 146 4.11 13.05 1.34
C SER A 146 4.42 12.76 2.80
N TYR A 147 3.74 13.48 3.68
CA TYR A 147 3.94 13.37 5.12
C TYR A 147 2.62 13.65 5.83
N LEU A 148 2.47 13.03 7.01
CA LEU A 148 1.31 13.14 7.89
C LEU A 148 0.74 14.54 8.13
N GLY A 149 1.57 15.56 8.00
CA GLY A 149 1.12 16.93 8.08
C GLY A 149 0.01 17.29 7.10
N ALA A 150 -0.13 16.49 6.04
CA ALA A 150 -1.28 16.62 5.13
C ALA A 150 -2.63 16.51 5.84
N VAL A 151 -2.71 15.61 6.82
CA VAL A 151 -3.97 15.26 7.46
C VAL A 151 -4.00 15.41 8.97
N ARG A 152 -2.89 15.82 9.59
CA ARG A 152 -2.86 16.15 11.02
C ARG A 152 -2.09 17.43 11.21
N ALA A 153 -2.48 18.22 12.21
CA ALA A 153 -1.66 19.35 12.61
C ALA A 153 -0.48 18.80 13.40
N ILE A 154 0.71 19.32 13.09
CA ILE A 154 1.98 18.87 13.66
C ILE A 154 2.82 20.11 13.99
N PRO A 155 3.44 20.15 15.18
CA PRO A 155 4.21 21.34 15.50
C PRO A 155 5.35 21.57 14.50
N ASN A 156 5.56 22.81 14.11
CA ASN A 156 6.73 23.23 13.34
C ASN A 156 6.69 22.89 11.83
N TYR A 157 5.91 21.89 11.44
CA TYR A 157 5.80 21.52 10.04
C TYR A 157 5.01 22.60 9.33
N ASN A 158 4.03 23.15 10.04
CA ASN A 158 3.42 24.42 9.68
C ASN A 158 2.89 24.41 8.24
N VAL A 159 3.31 25.38 7.43
CA VAL A 159 2.77 25.54 6.09
C VAL A 159 3.09 24.36 5.15
N MET A 160 4.12 23.56 5.46
CA MET A 160 4.41 22.36 4.67
C MET A 160 3.25 21.37 4.74
N GLY A 161 2.50 21.39 5.84
CA GLY A 161 1.31 20.55 5.97
C GLY A 161 0.23 20.87 4.95
N MET A 162 -0.02 22.16 4.76
CA MET A 162 -0.94 22.63 3.73
C MET A 162 -0.46 22.20 2.35
N ALA A 163 0.85 22.35 2.09
CA ALA A 163 1.42 21.93 0.81
C ALA A 163 1.28 20.43 0.57
N LYS A 164 1.51 19.63 1.61
CA LYS A 164 1.36 18.18 1.48
C LYS A 164 -0.10 17.76 1.26
N ALA A 165 -1.03 18.45 1.91
CA ALA A 165 -2.45 18.18 1.64
C ALA A 165 -2.77 18.44 0.17
N SER A 166 -2.30 19.58 -0.34
CA SER A 166 -2.44 19.91 -1.75
C SER A 166 -1.85 18.83 -2.64
N LEU A 167 -0.64 18.39 -2.30
CA LEU A 167 0.03 17.28 -3.00
C LEU A 167 -0.81 16.02 -3.04
N GLU A 168 -1.35 15.59 -1.90
CA GLU A 168 -2.13 14.35 -1.86
C GLU A 168 -3.40 14.46 -2.72
N ALA A 169 -4.03 15.62 -2.71
CA ALA A 169 -5.17 15.84 -3.62
C ALA A 169 -4.68 15.79 -5.06
N GLY A 170 -3.52 16.39 -5.32
CA GLY A 170 -2.88 16.29 -6.63
C GLY A 170 -2.69 14.86 -7.12
N ILE A 171 -2.29 13.99 -6.20
CA ILE A 171 -2.12 12.57 -6.50
C ILE A 171 -3.46 11.96 -6.94
N ARG A 172 -4.51 12.25 -6.19
CA ARG A 172 -5.87 11.77 -6.52
C ARG A 172 -6.35 12.28 -7.87
N PHE A 173 -6.22 13.58 -8.10
CA PHE A 173 -6.67 14.16 -9.38
C PHE A 173 -5.84 13.66 -10.56
N THR A 174 -4.53 13.49 -10.36
CA THR A 174 -3.66 12.96 -11.42
C THR A 174 -4.05 11.53 -11.76
N ALA A 175 -4.31 10.73 -10.72
CA ALA A 175 -4.76 9.35 -10.91
C ALA A 175 -6.06 9.27 -11.70
N ALA A 176 -7.02 10.10 -11.32
CA ALA A 176 -8.30 10.15 -12.03
C ALA A 176 -8.12 10.62 -13.47
N CYS A 177 -7.22 11.58 -13.67
CA CYS A 177 -6.96 12.13 -14.99
C CYS A 177 -6.31 11.10 -15.94
N LEU A 178 -5.31 10.39 -15.44
CA LEU A 178 -4.48 9.53 -16.29
C LEU A 178 -4.84 8.05 -16.34
N GLY A 179 -5.82 7.62 -15.55
CA GLY A 179 -6.09 6.20 -15.41
C GLY A 179 -6.51 5.53 -16.72
N LYS A 180 -7.32 6.21 -17.53
CA LYS A 180 -7.76 5.64 -18.82
C LYS A 180 -6.59 5.42 -19.80
N GLU A 181 -5.57 6.27 -19.72
CA GLU A 181 -4.34 6.18 -20.53
C GLU A 181 -3.26 5.23 -20.04
N GLY A 182 -3.52 4.54 -18.95
CA GLY A 182 -2.58 3.54 -18.47
C GLY A 182 -1.41 4.13 -17.70
N ILE A 183 -1.65 5.20 -16.95
CA ILE A 183 -0.66 5.76 -16.03
C ILE A 183 -1.32 5.79 -14.67
N ARG A 184 -0.66 5.21 -13.67
CA ARG A 184 -1.12 5.27 -12.29
C ARG A 184 -0.35 6.35 -11.53
N CYS A 185 -0.94 6.83 -10.45
CA CYS A 185 -0.31 7.84 -9.62
C CYS A 185 -0.64 7.56 -8.17
N ASN A 186 0.39 7.33 -7.35
CA ASN A 186 0.20 7.00 -5.95
C ASN A 186 1.17 7.77 -5.07
N GLY A 187 0.84 7.83 -3.79
CA GLY A 187 1.68 8.50 -2.80
C GLY A 187 2.20 7.55 -1.74
N ILE A 188 3.31 7.92 -1.14
CA ILE A 188 3.81 7.29 0.07
C ILE A 188 3.88 8.39 1.12
N SER A 189 3.20 8.19 2.24
CA SER A 189 3.35 9.07 3.39
C SER A 189 4.36 8.39 4.30
N ALA A 190 5.59 8.89 4.27
CA ALA A 190 6.69 8.27 5.00
C ALA A 190 6.76 8.80 6.41
N GLY A 191 7.18 7.97 7.35
CA GLY A 191 7.52 8.45 8.67
C GLY A 191 8.82 9.26 8.60
N PRO A 192 9.20 9.89 9.72
CA PRO A 192 10.38 10.73 9.74
C PRO A 192 11.67 9.93 9.55
N ILE A 193 12.56 10.53 8.77
CA ILE A 193 13.86 9.97 8.42
C ILE A 193 14.85 11.14 8.39
N LYS A 194 16.01 10.96 9.00
CA LYS A 194 17.01 12.01 8.98
C LYS A 194 17.58 12.16 7.58
N THR A 195 17.16 13.23 6.91
CA THR A 195 17.64 13.57 5.59
C THR A 195 18.13 15.02 5.65
N LEU A 196 18.78 15.48 4.59
CA LEU A 196 19.19 16.90 4.52
C LEU A 196 18.03 17.88 4.74
N ALA A 197 16.93 17.68 4.02
CA ALA A 197 15.76 18.54 4.13
C ALA A 197 15.13 18.53 5.51
N ALA A 198 15.20 17.40 6.20
CA ALA A 198 14.59 17.28 7.53
C ALA A 198 15.11 18.34 8.53
N SER A 199 16.37 18.75 8.37
CA SER A 199 16.95 19.78 9.26
C SER A 199 16.29 21.16 9.14
N GLY A 200 15.53 21.39 8.08
CA GLY A 200 14.71 22.61 7.97
C GLY A 200 13.54 22.67 8.94
N ILE A 201 13.12 21.52 9.46
CA ILE A 201 12.02 21.51 10.44
C ILE A 201 12.61 21.71 11.83
N ALA A 202 12.18 22.77 12.50
CA ALA A 202 12.62 23.03 13.87
C ALA A 202 12.34 21.81 14.72
N ASP A 203 13.34 21.42 15.50
CA ASP A 203 13.19 20.36 16.50
C ASP A 203 12.85 19.03 15.83
N PHE A 204 13.45 18.79 14.67
CA PHE A 204 13.20 17.53 13.96
C PHE A 204 13.62 16.32 14.80
N GLY A 205 14.76 16.40 15.50
CA GLY A 205 15.24 15.30 16.34
C GLY A 205 14.24 14.80 17.36
N LYS A 206 13.41 15.70 17.88
CA LYS A 206 12.37 15.34 18.84
C LYS A 206 11.16 14.70 18.18
N LEU A 207 10.87 15.13 16.96
CA LEU A 207 9.81 14.56 16.16
C LEU A 207 10.18 13.09 15.84
N LEU A 208 11.40 12.92 15.34
CA LEU A 208 11.95 11.61 15.02
C LEU A 208 11.88 10.68 16.24
N GLY A 209 12.25 11.21 17.41
CA GLY A 209 12.24 10.43 18.64
C GLY A 209 10.85 10.04 19.12
N HIS A 210 9.89 10.97 19.03
CA HIS A 210 8.51 10.70 19.44
CA HIS A 210 8.50 10.68 19.43
C HIS A 210 7.91 9.53 18.62
N VAL A 211 8.13 9.55 17.30
CA VAL A 211 7.57 8.50 16.45
C VAL A 211 8.12 7.12 16.81
N ALA A 212 9.45 7.01 16.97
CA ALA A 212 10.07 5.75 17.34
C ALA A 212 9.56 5.24 18.69
N ALA A 213 9.20 6.14 19.58
CA ALA A 213 8.72 5.77 20.92
C ALA A 213 7.24 5.39 20.92
N HIS A 214 6.50 5.80 19.88
CA HIS A 214 5.04 5.69 19.92
C HIS A 214 4.38 4.91 18.81
N ASN A 215 5.12 4.50 17.78
CA ASN A 215 4.48 3.76 16.71
C ASN A 215 4.45 2.25 17.02
N PRO A 216 3.56 1.51 16.35
CA PRO A 216 3.47 0.08 16.59
C PRO A 216 4.80 -0.66 16.47
N LEU A 217 5.64 -0.28 15.52
CA LEU A 217 6.91 -0.97 15.37
C LEU A 217 7.96 -0.57 16.41
N ARG A 218 7.71 0.53 17.11
CA ARG A 218 8.65 1.09 18.09
C ARG A 218 10.02 1.40 17.49
N ARG A 219 10.00 1.88 16.25
CA ARG A 219 11.20 2.33 15.56
C ARG A 219 10.83 3.12 14.34
N ASN A 220 11.76 3.91 13.84
CA ASN A 220 11.51 4.64 12.62
C ASN A 220 11.76 3.76 11.40
N VAL A 221 11.20 4.18 10.28
CA VAL A 221 11.37 3.47 9.03
C VAL A 221 12.68 3.88 8.36
N THR A 222 13.07 3.10 7.37
CA THR A 222 14.29 3.34 6.62
C THR A 222 13.99 3.77 5.18
N ILE A 223 14.97 4.38 4.54
CA ILE A 223 14.83 4.70 3.12
C ILE A 223 14.70 3.43 2.26
N GLU A 224 15.22 2.30 2.75
CA GLU A 224 15.00 1.03 2.04
C GLU A 224 13.53 0.60 2.09
N GLU A 225 12.90 0.80 3.25
CA GLU A 225 11.48 0.46 3.42
C GLU A 225 10.58 1.33 2.53
N VAL A 226 10.88 2.62 2.52
CA VAL A 226 10.17 3.55 1.63
C VAL A 226 10.47 3.19 0.16
N GLY A 227 11.74 2.91 -0.12
CA GLY A 227 12.17 2.56 -1.47
C GLY A 227 11.51 1.34 -2.05
N ASN A 228 11.41 0.29 -1.24
CA ASN A 228 10.80 -0.95 -1.68
C ASN A 228 9.30 -0.77 -1.95
N THR A 229 8.66 0.04 -1.13
CA THR A 229 7.27 0.41 -1.33
C THR A 229 7.11 1.18 -2.65
N ALA A 230 7.97 2.16 -2.91
CA ALA A 230 7.92 2.88 -4.17
C ALA A 230 8.14 1.94 -5.36
N ALA A 231 9.10 1.03 -5.26
CA ALA A 231 9.36 0.06 -6.34
C ALA A 231 8.09 -0.75 -6.65
N PHE A 232 7.43 -1.26 -5.60
CA PHE A 232 6.17 -1.96 -5.75
C PHE A 232 5.13 -1.09 -6.48
N LEU A 233 4.97 0.15 -6.01
CA LEU A 233 3.97 1.07 -6.59
C LEU A 233 4.34 1.51 -8.02
N LEU A 234 5.62 1.42 -8.37
CA LEU A 234 6.05 1.67 -9.74
C LEU A 234 5.86 0.47 -10.66
N SER A 235 5.70 -0.72 -10.08
CA SER A 235 5.68 -1.95 -10.87
C SER A 235 4.28 -2.39 -11.25
N ASP A 236 4.20 -3.33 -12.18
CA ASP A 236 2.92 -3.92 -12.59
C ASP A 236 2.25 -4.72 -11.49
N LEU A 237 2.99 -5.07 -10.46
CA LEU A 237 2.41 -5.76 -9.30
C LEU A 237 1.30 -4.94 -8.62
N SER A 238 1.41 -3.61 -8.69
CA SER A 238 0.44 -2.71 -8.08
C SER A 238 -0.57 -2.18 -9.11
N SER A 239 -0.78 -2.88 -10.22
CA SER A 239 -1.62 -2.36 -11.32
C SER A 239 -3.08 -2.11 -10.92
N GLY A 240 -3.54 -2.69 -9.81
CA GLY A 240 -4.87 -2.42 -9.27
C GLY A 240 -4.98 -1.24 -8.33
N ILE A 241 -3.88 -0.50 -8.15
CA ILE A 241 -3.79 0.55 -7.16
C ILE A 241 -3.49 1.90 -7.81
N THR A 242 -4.38 2.87 -7.64
CA THR A 242 -4.09 4.22 -8.11
C THR A 242 -4.82 5.22 -7.21
N GLY A 243 -4.22 6.40 -7.10
CA GLY A 243 -4.77 7.46 -6.26
C GLY A 243 -4.64 7.21 -4.76
N GLU A 244 -3.82 6.24 -4.39
CA GLU A 244 -3.68 5.77 -3.00
C GLU A 244 -2.54 6.50 -2.30
N ILE A 245 -2.73 6.81 -1.01
CA ILE A 245 -1.63 7.23 -0.17
C ILE A 245 -1.33 6.07 0.79
N THR A 246 -0.13 5.52 0.69
CA THR A 246 0.28 4.39 1.52
C THR A 246 1.23 4.89 2.62
N TYR A 247 0.92 4.55 3.86
CA TYR A 247 1.72 4.99 5.01
C TYR A 247 2.84 4.00 5.26
N VAL A 248 4.08 4.50 5.19
CA VAL A 248 5.27 3.75 5.51
C VAL A 248 5.89 4.48 6.69
N ASP A 249 5.23 4.36 7.84
CA ASP A 249 5.61 5.06 9.07
C ASP A 249 5.57 4.14 10.28
N GLY A 250 5.66 2.84 10.02
CA GLY A 250 5.64 1.84 11.07
C GLY A 250 4.34 1.85 11.86
N GLY A 251 3.26 2.27 11.20
CA GLY A 251 1.95 2.31 11.86
C GLY A 251 1.67 3.55 12.69
N TYR A 252 2.54 4.55 12.63
CA TYR A 252 2.42 5.70 13.53
C TYR A 252 1.02 6.36 13.42
N SER A 253 0.59 6.58 12.19
CA SER A 253 -0.65 7.32 11.95
C SER A 253 -1.92 6.66 12.48
N ILE A 254 -1.88 5.36 12.70
CA ILE A 254 -3.10 4.63 13.10
C ILE A 254 -3.13 4.33 14.58
N ASN A 255 -2.13 4.82 15.30
CA ASN A 255 -1.98 4.60 16.73
C ASN A 255 -2.40 5.89 17.45
N ALA A 256 -2.95 5.79 18.64
CA ALA A 256 -3.14 6.96 19.49
C ALA A 256 -2.90 6.60 20.94
N LEU A 257 -2.43 7.59 21.70
CA LEU A 257 -2.31 7.47 23.15
C LEU A 257 -1.40 6.32 23.61
N SER A 258 -0.40 5.95 22.80
CA SER A 258 0.38 4.72 23.08
C SER A 258 1.31 4.82 24.28
N GLY B 2 12.46 -14.08 -6.64
CA GLY B 2 11.10 -14.14 -6.03
C GLY B 2 11.18 -13.50 -4.66
N PHE B 3 10.36 -12.49 -4.37
CA PHE B 3 10.53 -11.76 -3.10
C PHE B 3 9.88 -12.40 -1.86
N LEU B 4 9.33 -13.60 -1.99
CA LEU B 4 8.85 -14.37 -0.84
C LEU B 4 9.63 -15.67 -0.66
N GLN B 5 10.83 -15.73 -1.23
CA GLN B 5 11.67 -16.92 -1.06
C GLN B 5 11.88 -17.15 0.43
N GLY B 6 11.68 -18.39 0.85
CA GLY B 6 11.85 -18.77 2.23
C GLY B 6 10.69 -18.41 3.15
N LYS B 7 9.66 -17.73 2.64
CA LYS B 7 8.51 -17.43 3.46
C LYS B 7 7.49 -18.58 3.47
N LYS B 8 7.04 -18.94 4.67
CA LYS B 8 6.00 -19.94 4.89
C LYS B 8 4.71 -19.23 5.28
N ILE B 9 3.68 -19.44 4.47
CA ILE B 9 2.46 -18.64 4.53
C ILE B 9 1.24 -19.54 4.61
N LEU B 10 0.39 -19.28 5.61
CA LEU B 10 -0.86 -20.03 5.80
C LEU B 10 -2.00 -19.19 5.22
N ILE B 11 -2.77 -19.80 4.32
CA ILE B 11 -3.85 -19.09 3.62
C ILE B 11 -5.21 -19.69 3.93
N THR B 12 -6.09 -18.85 4.45
CA THR B 12 -7.48 -19.23 4.68
C THR B 12 -8.32 -18.85 3.47
N GLY B 13 -9.46 -19.50 3.33
CA GLY B 13 -10.48 -19.02 2.39
C GLY B 13 -10.41 -19.41 0.93
N MET B 14 -9.50 -20.29 0.55
CA MET B 14 -9.36 -20.69 -0.86
C MET B 14 -10.33 -21.83 -1.14
N ILE B 15 -11.46 -21.53 -1.79
CA ILE B 15 -12.43 -22.59 -2.13
C ILE B 15 -12.65 -22.85 -3.61
N SER B 16 -12.22 -21.95 -4.46
CA SER B 16 -12.22 -22.19 -5.90
C SER B 16 -11.14 -21.34 -6.55
N GLU B 17 -10.93 -21.55 -7.84
CA GLU B 17 -9.98 -20.70 -8.58
C GLU B 17 -10.47 -19.27 -8.81
N ARG B 18 -11.71 -18.96 -8.46
CA ARG B 18 -12.18 -17.57 -8.45
C ARG B 18 -11.89 -16.86 -7.13
N SER B 19 -11.59 -17.61 -6.08
CA SER B 19 -11.38 -17.06 -4.73
C SER B 19 -10.26 -16.02 -4.74
N ILE B 20 -10.46 -14.92 -4.00
CA ILE B 20 -9.37 -13.98 -3.75
C ILE B 20 -8.20 -14.74 -3.15
N ALA B 21 -8.47 -15.66 -2.24
CA ALA B 21 -7.39 -16.43 -1.61
C ALA B 21 -6.59 -17.26 -2.62
N TYR B 22 -7.23 -17.70 -3.70
CA TYR B 22 -6.52 -18.40 -4.77
C TYR B 22 -5.55 -17.46 -5.50
N GLY B 23 -6.02 -16.26 -5.83
CA GLY B 23 -5.14 -15.25 -6.42
C GLY B 23 -3.96 -14.93 -5.53
N ILE B 24 -4.22 -14.82 -4.22
CA ILE B 24 -3.15 -14.60 -3.25
C ILE B 24 -2.17 -15.77 -3.27
N ALA B 25 -2.70 -16.98 -3.18
CA ALA B 25 -1.89 -18.19 -3.16
C ALA B 25 -0.99 -18.26 -4.38
N LYS B 26 -1.58 -18.06 -5.55
CA LYS B 26 -0.84 -18.11 -6.80
C LYS B 26 0.25 -17.04 -6.89
N ALA B 27 -0.11 -15.81 -6.54
CA ALA B 27 0.87 -14.71 -6.47
C ALA B 27 2.00 -15.01 -5.51
N CYS B 28 1.69 -15.59 -4.35
CA CYS B 28 2.72 -15.88 -3.36
C CYS B 28 3.64 -17.00 -3.84
N ARG B 29 3.05 -18.03 -4.43
CA ARG B 29 3.84 -19.14 -4.93
C ARG B 29 4.75 -18.69 -6.08
N GLU B 30 4.26 -17.81 -6.95
CA GLU B 30 5.09 -17.22 -8.01
C GLU B 30 6.30 -16.47 -7.47
N GLN B 31 6.19 -15.93 -6.24
CA GLN B 31 7.32 -15.23 -5.61
C GLN B 31 8.15 -16.11 -4.68
N GLY B 32 7.89 -17.42 -4.71
CA GLY B 32 8.74 -18.39 -4.02
C GLY B 32 8.27 -18.84 -2.64
N ALA B 33 7.08 -18.42 -2.22
CA ALA B 33 6.56 -18.82 -0.90
C ALA B 33 6.21 -20.29 -0.86
N GLU B 34 6.32 -20.88 0.33
CA GLU B 34 5.78 -22.21 0.60
C GLU B 34 4.46 -22.01 1.31
N LEU B 35 3.44 -22.75 0.86
CA LEU B 35 2.08 -22.53 1.31
C LEU B 35 1.45 -23.68 2.09
N ALA B 36 0.50 -23.28 2.93
CA ALA B 36 -0.41 -24.17 3.62
C ALA B 36 -1.79 -23.53 3.59
N PHE B 37 -2.81 -24.34 3.76
CA PHE B 37 -4.20 -23.92 3.56
C PHE B 37 -5.15 -24.48 4.60
N THR B 38 -6.23 -23.72 4.84
CA THR B 38 -7.34 -24.21 5.62
C THR B 38 -8.61 -24.30 4.77
N TYR B 39 -9.57 -25.10 5.23
CA TYR B 39 -10.89 -25.22 4.61
C TYR B 39 -11.94 -25.36 5.72
N VAL B 40 -13.12 -24.80 5.49
CA VAL B 40 -14.10 -24.65 6.58
C VAL B 40 -14.76 -25.95 7.00
N VAL B 41 -15.13 -26.80 6.03
CA VAL B 41 -15.82 -28.07 6.30
C VAL B 41 -15.29 -29.24 5.49
N ASP B 42 -15.55 -30.45 6.00
CA ASP B 42 -15.02 -31.69 5.40
C ASP B 42 -15.35 -31.86 3.91
N LYS B 43 -16.53 -31.42 3.51
CA LYS B 43 -17.01 -31.48 2.12
C LYS B 43 -16.09 -30.79 1.11
N LEU B 44 -15.26 -29.87 1.61
CA LEU B 44 -14.35 -29.12 0.75
C LEU B 44 -12.93 -29.66 0.72
N GLU B 45 -12.64 -30.64 1.57
CA GLU B 45 -11.26 -31.09 1.77
C GLU B 45 -10.59 -31.50 0.46
N GLU B 46 -11.28 -32.30 -0.35
CA GLU B 46 -10.70 -32.86 -1.59
C GLU B 46 -10.40 -31.76 -2.62
N ARG B 47 -11.34 -30.85 -2.79
N ARG B 47 -11.39 -30.89 -2.81
CA ARG B 47 -11.20 -29.72 -3.68
CA ARG B 47 -11.31 -29.67 -3.63
C ARG B 47 -10.01 -28.86 -3.30
C ARG B 47 -10.05 -28.85 -3.29
N VAL B 48 -9.87 -28.59 -2.00
CA VAL B 48 -8.80 -27.71 -1.51
C VAL B 48 -7.44 -28.42 -1.58
N ARG B 49 -7.39 -29.69 -1.21
CA ARG B 49 -6.16 -30.48 -1.36
C ARG B 49 -5.67 -30.49 -2.81
N LYS B 50 -6.60 -30.61 -3.75
CA LYS B 50 -6.25 -30.60 -5.18
C LYS B 50 -5.68 -29.25 -5.63
N MET B 51 -6.29 -28.16 -5.20
CA MET B 51 -5.77 -26.83 -5.53
C MET B 51 -4.40 -26.63 -4.88
N ALA B 52 -4.31 -27.04 -3.62
CA ALA B 52 -3.04 -26.94 -2.87
C ALA B 52 -1.91 -27.69 -3.57
N ALA B 53 -2.21 -28.89 -4.08
CA ALA B 53 -1.21 -29.70 -4.80
C ALA B 53 -0.67 -28.98 -6.03
N GLU B 54 -1.54 -28.31 -6.77
CA GLU B 54 -1.12 -27.53 -7.95
C GLU B 54 -0.23 -26.37 -7.56
N LEU B 55 -0.36 -25.92 -6.32
CA LEU B 55 0.47 -24.87 -5.76
C LEU B 55 1.61 -25.45 -4.93
N ASP B 56 1.92 -26.73 -5.15
CA ASP B 56 3.07 -27.42 -4.55
C ASP B 56 2.95 -27.61 -3.03
N SER B 57 1.73 -27.71 -2.52
CA SER B 57 1.52 -27.89 -1.09
C SER B 57 0.70 -29.13 -0.76
N GLU B 58 1.10 -29.81 0.31
CA GLU B 58 0.33 -30.91 0.88
C GLU B 58 -0.07 -30.59 2.31
N LEU B 59 -0.08 -29.31 2.68
CA LEU B 59 -0.40 -28.91 4.04
C LEU B 59 -1.77 -28.26 4.03
N VAL B 60 -2.78 -29.03 4.42
CA VAL B 60 -4.16 -28.56 4.36
C VAL B 60 -4.87 -28.99 5.65
N PHE B 61 -5.58 -28.06 6.28
CA PHE B 61 -6.17 -28.29 7.61
C PHE B 61 -7.60 -27.78 7.68
N ARG B 62 -8.45 -28.47 8.42
CA ARG B 62 -9.82 -28.00 8.58
C ARG B 62 -9.84 -26.90 9.61
N CYS B 63 -10.59 -25.84 9.33
CA CYS B 63 -10.73 -24.76 10.29
C CYS B 63 -12.01 -23.97 10.08
N ASP B 64 -13.00 -24.24 10.92
CA ASP B 64 -14.15 -23.37 11.06
C ASP B 64 -13.78 -22.36 12.14
N VAL B 65 -13.70 -21.10 11.76
CA VAL B 65 -13.27 -20.05 12.70
C VAL B 65 -14.29 -19.74 13.78
N ALA B 66 -15.47 -20.37 13.70
CA ALA B 66 -16.40 -20.39 14.82
C ALA B 66 -15.86 -21.14 16.03
N SER B 67 -14.86 -22.00 15.81
CA SER B 67 -14.35 -22.91 16.84
C SER B 67 -12.94 -22.55 17.29
N ASP B 68 -12.79 -22.16 18.55
CA ASP B 68 -11.46 -21.90 19.12
C ASP B 68 -10.60 -23.15 19.08
N ASP B 69 -11.22 -24.30 19.31
CA ASP B 69 -10.47 -25.57 19.30
C ASP B 69 -9.90 -25.84 17.92
N GLU B 70 -10.70 -25.66 16.88
CA GLU B 70 -10.21 -25.91 15.52
C GLU B 70 -9.12 -24.92 15.12
N ILE B 71 -9.31 -23.64 15.49
CA ILE B 71 -8.31 -22.62 15.22
C ILE B 71 -6.97 -23.01 15.83
N ASN B 72 -6.98 -23.35 17.11
CA ASN B 72 -5.75 -23.71 17.81
C ASN B 72 -5.13 -24.97 17.23
N GLN B 73 -5.98 -25.93 16.85
CA GLN B 73 -5.51 -27.20 16.33
C GLN B 73 -4.77 -27.02 15.01
N VAL B 74 -5.17 -26.03 14.20
CA VAL B 74 -4.45 -25.75 12.95
C VAL B 74 -2.96 -25.48 13.23
N PHE B 75 -2.66 -24.65 14.23
CA PHE B 75 -1.28 -24.23 14.49
C PHE B 75 -0.47 -25.32 15.18
N ALA B 76 -1.13 -26.11 16.02
CA ALA B 76 -0.54 -27.31 16.58
C ALA B 76 -0.11 -28.27 15.48
N ASP B 77 -1.00 -28.51 14.52
CA ASP B 77 -0.70 -29.43 13.42
C ASP B 77 0.34 -28.87 12.47
N LEU B 78 0.19 -27.59 12.13
CA LEU B 78 1.12 -26.94 11.21
C LEU B 78 2.54 -26.90 11.81
N GLY B 79 2.60 -26.68 13.12
CA GLY B 79 3.85 -26.64 13.88
C GLY B 79 4.68 -27.91 13.88
N LYS B 80 4.05 -29.04 13.54
CA LYS B 80 4.77 -30.30 13.33
C LYS B 80 5.61 -30.27 12.04
N HIS B 81 5.25 -29.40 11.10
CA HIS B 81 5.94 -29.30 9.82
C HIS B 81 6.82 -28.07 9.70
N TRP B 82 6.35 -26.96 10.25
CA TRP B 82 7.04 -25.68 10.11
C TRP B 82 7.56 -25.15 11.44
N ASP B 83 8.79 -24.62 11.41
CA ASP B 83 9.49 -24.02 12.57
C ASP B 83 8.79 -22.78 13.08
N GLY B 84 8.14 -22.10 12.15
CA GLY B 84 7.54 -20.81 12.39
C GLY B 84 6.61 -20.49 11.24
N LEU B 85 5.89 -19.39 11.38
CA LEU B 85 4.96 -18.97 10.35
C LEU B 85 5.27 -17.55 9.97
N ASP B 86 5.57 -17.33 8.68
CA ASP B 86 6.00 -16.01 8.24
C ASP B 86 4.84 -15.17 7.73
N GLY B 87 3.78 -15.84 7.31
CA GLY B 87 2.64 -15.15 6.71
C GLY B 87 1.32 -15.81 7.07
N LEU B 88 0.31 -14.98 7.32
CA LEU B 88 -1.03 -15.44 7.62
C LEU B 88 -1.99 -14.62 6.81
N VAL B 89 -2.80 -15.30 6.01
CA VAL B 89 -3.79 -14.64 5.16
C VAL B 89 -5.19 -14.95 5.65
N HIS B 90 -5.89 -13.90 6.07
CA HIS B 90 -7.29 -13.93 6.45
C HIS B 90 -8.08 -13.52 5.19
N SER B 91 -8.80 -14.46 4.60
CA SER B 91 -9.59 -14.22 3.39
C SER B 91 -10.90 -14.96 3.56
N ILE B 92 -11.64 -14.57 4.59
CA ILE B 92 -12.83 -15.28 4.99
C ILE B 92 -13.89 -14.31 5.49
N GLY B 93 -15.12 -14.64 5.21
CA GLY B 93 -16.22 -13.87 5.70
C GLY B 93 -17.50 -14.65 5.56
N PHE B 94 -18.48 -14.27 6.37
CA PHE B 94 -19.78 -14.87 6.31
C PHE B 94 -20.82 -14.01 7.00
N ALA B 95 -21.98 -13.92 6.37
CA ALA B 95 -23.19 -13.44 7.00
C ALA B 95 -24.33 -14.16 6.32
N PRO B 96 -25.45 -14.38 7.04
CA PRO B 96 -26.59 -15.01 6.39
C PRO B 96 -27.07 -14.21 5.20
N LYS B 97 -27.32 -14.88 4.09
CA LYS B 97 -27.70 -14.24 2.84
C LYS B 97 -28.89 -13.27 2.98
N GLU B 98 -29.87 -13.63 3.82
CA GLU B 98 -31.08 -12.80 4.02
C GLU B 98 -30.77 -11.43 4.64
N ALA B 99 -29.67 -11.34 5.38
CA ALA B 99 -29.24 -10.07 5.95
C ALA B 99 -28.57 -9.15 4.91
N LEU B 100 -28.23 -9.68 3.73
CA LEU B 100 -27.55 -8.91 2.68
C LEU B 100 -28.44 -8.61 1.48
N SER B 101 -29.72 -8.44 1.74
CA SER B 101 -30.66 -8.18 0.68
C SER B 101 -31.66 -7.16 1.15
N GLY B 102 -31.72 -6.02 0.46
CA GLY B 102 -32.76 -5.06 0.67
C GLY B 102 -32.47 -4.13 1.85
N ASP B 103 -33.54 -3.64 2.46
CA ASP B 103 -33.45 -2.59 3.47
C ASP B 103 -32.58 -3.06 4.64
N PHE B 104 -31.61 -2.23 5.00
CA PHE B 104 -30.63 -2.56 6.05
C PHE B 104 -31.29 -2.95 7.37
N LEU B 105 -32.21 -2.12 7.85
CA LEU B 105 -32.85 -2.39 9.13
C LEU B 105 -33.86 -3.54 9.08
N ASP B 106 -34.62 -3.63 8.01
CA ASP B 106 -35.54 -4.76 7.85
C ASP B 106 -34.80 -6.09 7.83
N SER B 107 -33.63 -6.12 7.20
CA SER B 107 -32.93 -7.36 6.95
C SER B 107 -32.03 -7.77 8.12
N ILE B 108 -31.70 -6.83 9.00
CA ILE B 108 -30.80 -7.14 10.11
C ILE B 108 -31.53 -7.91 11.22
N SER B 109 -30.76 -8.68 11.97
CA SER B 109 -31.26 -9.32 13.19
C SER B 109 -30.07 -9.49 14.11
N ARG B 110 -30.34 -9.67 15.39
CA ARG B 110 -29.29 -9.90 16.39
C ARG B 110 -28.42 -11.08 15.99
N GLU B 111 -29.07 -12.19 15.62
CA GLU B 111 -28.39 -13.43 15.28
C GLU B 111 -27.49 -13.27 14.04
N ALA B 112 -27.99 -12.57 13.02
CA ALA B 112 -27.20 -12.32 11.79
C ALA B 112 -26.03 -11.39 12.08
N PHE B 113 -26.28 -10.36 12.87
CA PHE B 113 -25.22 -9.45 13.32
C PHE B 113 -24.13 -10.24 14.05
N ASN B 114 -24.52 -11.09 14.99
CA ASN B 114 -23.54 -11.84 15.78
C ASN B 114 -22.69 -12.76 14.93
N THR B 115 -23.36 -13.50 14.04
CA THR B 115 -22.67 -14.40 13.12
C THR B 115 -21.70 -13.66 12.22
N ALA B 116 -22.20 -12.60 11.58
CA ALA B 116 -21.39 -11.80 10.67
C ALA B 116 -20.12 -11.31 11.37
N HIS B 117 -20.26 -10.78 12.57
CA HIS B 117 -19.11 -10.23 13.31
C HIS B 117 -18.16 -11.29 13.81
N GLU B 118 -18.71 -12.37 14.32
CA GLU B 118 -17.89 -13.46 14.85
C GLU B 118 -17.05 -14.09 13.73
N ILE B 119 -17.67 -14.39 12.60
CA ILE B 119 -16.95 -15.06 11.51
C ILE B 119 -16.09 -14.10 10.69
N SER B 120 -16.62 -12.93 10.39
CA SER B 120 -15.94 -11.95 9.54
C SER B 120 -14.91 -11.07 10.25
N ALA B 121 -15.14 -10.72 11.51
CA ALA B 121 -14.28 -9.77 12.23
C ALA B 121 -13.48 -10.41 13.38
N TYR B 122 -14.14 -11.11 14.30
CA TYR B 122 -13.44 -11.70 15.46
C TYR B 122 -12.35 -12.69 15.00
N SER B 123 -12.61 -13.37 13.88
CA SER B 123 -11.70 -14.35 13.34
C SER B 123 -10.29 -13.81 13.08
N LEU B 124 -10.16 -12.50 12.84
CA LEU B 124 -8.84 -11.92 12.60
C LEU B 124 -8.03 -11.93 13.91
N PRO B 125 -8.50 -11.29 15.00
CA PRO B 125 -7.72 -11.44 16.24
C PRO B 125 -7.65 -12.87 16.75
N ALA B 126 -8.69 -13.68 16.53
CA ALA B 126 -8.62 -15.08 16.94
C ALA B 126 -7.49 -15.86 16.27
N LEU B 127 -7.35 -15.68 14.95
CA LEU B 127 -6.27 -16.34 14.22
C LEU B 127 -4.90 -15.75 14.55
N ALA B 128 -4.83 -14.43 14.69
CA ALA B 128 -3.59 -13.76 15.06
C ALA B 128 -3.10 -14.27 16.42
N LYS B 129 -4.03 -14.35 17.37
CA LYS B 129 -3.76 -14.83 18.72
C LYS B 129 -3.26 -16.27 18.71
N ALA B 130 -3.96 -17.14 18.00
CA ALA B 130 -3.55 -18.55 17.91
C ALA B 130 -2.21 -18.73 17.17
N ALA B 131 -1.92 -17.87 16.21
CA ALA B 131 -0.70 -17.94 15.39
C ALA B 131 0.51 -17.30 16.06
N ARG B 132 0.25 -16.55 17.13
CA ARG B 132 1.25 -15.65 17.70
C ARG B 132 2.55 -16.37 18.12
N PRO B 133 2.44 -17.53 18.80
CA PRO B 133 3.69 -18.26 19.15
C PRO B 133 4.55 -18.61 17.93
N MET B 134 3.92 -18.98 16.82
CA MET B 134 4.66 -19.31 15.58
C MET B 134 5.14 -18.09 14.79
N MET B 135 4.48 -16.96 14.97
CA MET B 135 4.80 -15.77 14.19
C MET B 135 5.76 -14.78 14.86
N ARG B 136 5.77 -14.73 16.20
CA ARG B 136 6.54 -13.71 16.87
C ARG B 136 8.04 -13.91 16.69
N GLY B 137 8.72 -12.79 16.52
CA GLY B 137 10.16 -12.78 16.34
C GLY B 137 10.62 -13.17 14.94
N ARG B 138 9.70 -13.43 14.02
CA ARG B 138 10.06 -13.93 12.69
C ARG B 138 10.06 -12.83 11.61
N ASN B 139 9.79 -11.58 12.00
CA ASN B 139 9.55 -10.51 11.04
C ASN B 139 8.49 -10.97 10.05
N SER B 140 7.34 -11.33 10.62
CA SER B 140 6.27 -11.98 9.90
C SER B 140 5.12 -10.99 9.66
N ALA B 141 4.07 -11.45 9.01
CA ALA B 141 3.02 -10.55 8.56
C ALA B 141 1.67 -11.22 8.37
N ILE B 142 0.64 -10.44 8.67
CA ILE B 142 -0.75 -10.84 8.52
C ILE B 142 -1.41 -9.91 7.51
N VAL B 143 -2.21 -10.48 6.61
CA VAL B 143 -3.00 -9.70 5.66
C VAL B 143 -4.44 -10.19 5.77
N ALA B 144 -5.37 -9.24 5.85
CA ALA B 144 -6.80 -9.56 5.89
C ALA B 144 -7.53 -8.78 4.79
N LEU B 145 -8.61 -9.36 4.28
CA LEU B 145 -9.39 -8.76 3.19
C LEU B 145 -10.62 -8.06 3.73
N SER B 146 -10.79 -6.82 3.33
CA SER B 146 -11.93 -6.00 3.70
C SER B 146 -12.57 -5.41 2.45
N TYR B 147 -13.59 -4.60 2.67
CA TYR B 147 -14.36 -4.01 1.59
C TYR B 147 -14.84 -2.63 2.04
N LEU B 148 -15.01 -1.76 1.06
CA LEU B 148 -15.46 -0.37 1.21
C LEU B 148 -16.65 -0.15 2.13
N GLY B 149 -17.49 -1.17 2.29
CA GLY B 149 -18.61 -1.12 3.22
C GLY B 149 -18.21 -0.82 4.67
N ALA B 150 -16.94 -1.06 5.00
CA ALA B 150 -16.40 -0.62 6.30
C ALA B 150 -16.58 0.88 6.56
N VAL B 151 -16.40 1.68 5.52
CA VAL B 151 -16.32 3.14 5.64
C VAL B 151 -17.33 3.91 4.82
N ARG B 152 -18.12 3.23 4.00
CA ARG B 152 -19.20 3.87 3.24
C ARG B 152 -20.42 2.99 3.35
N ALA B 153 -21.60 3.59 3.34
CA ALA B 153 -22.82 2.83 3.23
C ALA B 153 -22.98 2.43 1.76
N ILE B 154 -23.35 1.17 1.56
CA ILE B 154 -23.47 0.54 0.24
C ILE B 154 -24.75 -0.29 0.23
N PRO B 155 -25.53 -0.21 -0.86
CA PRO B 155 -26.78 -0.99 -0.86
C PRO B 155 -26.52 -2.47 -0.71
N ASN B 156 -27.35 -3.14 0.10
CA ASN B 156 -27.36 -4.62 0.20
C ASN B 156 -26.22 -5.25 1.00
N TYR B 157 -25.10 -4.55 1.15
CA TYR B 157 -23.96 -5.10 1.89
C TYR B 157 -24.31 -5.11 3.36
N ASN B 158 -25.08 -4.09 3.77
CA ASN B 158 -25.81 -4.12 5.01
C ASN B 158 -24.91 -4.46 6.20
N VAL B 159 -25.26 -5.48 6.99
CA VAL B 159 -24.54 -5.77 8.24
C VAL B 159 -23.09 -6.19 8.00
N MET B 160 -22.74 -6.65 6.79
CA MET B 160 -21.35 -6.97 6.48
C MET B 160 -20.46 -5.73 6.55
N GLY B 161 -21.04 -4.56 6.29
CA GLY B 161 -20.31 -3.30 6.43
C GLY B 161 -19.87 -3.02 7.84
N MET B 162 -20.78 -3.25 8.79
CA MET B 162 -20.44 -3.17 10.22
C MET B 162 -19.34 -4.17 10.59
N ALA B 163 -19.45 -5.40 10.11
CA ALA B 163 -18.42 -6.42 10.38
C ALA B 163 -17.07 -6.06 9.78
N LYS B 164 -17.06 -5.50 8.57
CA LYS B 164 -15.81 -5.05 7.96
C LYS B 164 -15.19 -3.86 8.70
N ALA B 165 -16.01 -2.94 9.19
CA ALA B 165 -15.49 -1.85 10.02
C ALA B 165 -14.82 -2.41 11.29
N SER B 166 -15.48 -3.36 11.95
CA SER B 166 -14.90 -4.07 13.10
C SER B 166 -13.57 -4.74 12.72
N LEU B 167 -13.57 -5.42 11.59
CA LEU B 167 -12.34 -6.02 11.06
C LEU B 167 -11.20 -5.02 10.87
N GLU B 168 -11.48 -3.87 10.24
CA GLU B 168 -10.42 -2.89 9.98
C GLU B 168 -9.86 -2.34 11.29
N ALA B 169 -10.73 -2.14 12.27
CA ALA B 169 -10.25 -1.73 13.60
C ALA B 169 -9.41 -2.84 14.20
N GLY B 170 -9.86 -4.09 14.04
CA GLY B 170 -9.09 -5.26 14.44
C GLY B 170 -7.69 -5.30 13.87
N ILE B 171 -7.56 -4.92 12.60
CA ILE B 171 -6.27 -4.84 11.93
C ILE B 171 -5.38 -3.81 12.65
N ARG B 172 -5.94 -2.63 12.92
CA ARG B 172 -5.19 -1.57 13.63
C ARG B 172 -4.77 -2.00 15.03
N PHE B 173 -5.70 -2.54 15.81
CA PHE B 173 -5.36 -2.99 17.18
C PHE B 173 -4.37 -4.16 17.19
N THR B 174 -4.49 -5.07 16.24
CA THR B 174 -3.57 -6.20 16.13
C THR B 174 -2.16 -5.69 15.79
N ALA B 175 -2.08 -4.75 14.85
CA ALA B 175 -0.82 -4.12 14.45
C ALA B 175 -0.15 -3.45 15.64
N ALA B 176 -0.94 -2.68 16.40
CA ALA B 176 -0.43 -2.01 17.58
C ALA B 176 0.02 -3.00 18.64
N CYS B 177 -0.72 -4.09 18.79
CA CYS B 177 -0.41 -5.13 19.76
C CYS B 177 0.89 -5.87 19.43
N LEU B 178 1.04 -6.27 18.17
CA LEU B 178 2.12 -7.17 17.75
C LEU B 178 3.37 -6.53 17.18
N GLY B 179 3.36 -5.22 16.96
CA GLY B 179 4.44 -4.58 16.21
C GLY B 179 5.81 -4.73 16.86
N LYS B 180 5.86 -4.61 18.19
CA LYS B 180 7.15 -4.71 18.91
C LYS B 180 7.78 -6.11 18.80
N GLU B 181 6.95 -7.15 18.72
CA GLU B 181 7.47 -8.50 18.57
C GLU B 181 7.63 -8.98 17.11
N GLY B 182 7.58 -8.06 16.15
CA GLY B 182 7.99 -8.40 14.79
C GLY B 182 6.92 -9.13 14.00
N ILE B 183 5.65 -8.77 14.23
CA ILE B 183 4.54 -9.23 13.41
C ILE B 183 3.79 -7.99 12.93
N ARG B 184 3.61 -7.88 11.62
CA ARG B 184 2.83 -6.81 11.03
C ARG B 184 1.43 -7.30 10.70
N CYS B 185 0.49 -6.37 10.62
CA CYS B 185 -0.89 -6.71 10.30
C CYS B 185 -1.48 -5.62 9.43
N ASN B 186 -1.87 -5.98 8.22
CA ASN B 186 -2.41 -5.01 7.26
C ASN B 186 -3.65 -5.54 6.57
N GLY B 187 -4.40 -4.63 5.97
CA GLY B 187 -5.61 -4.98 5.23
C GLY B 187 -5.51 -4.62 3.76
N ILE B 188 -6.29 -5.33 2.94
CA ILE B 188 -6.53 -4.93 1.57
C ILE B 188 -8.04 -4.73 1.45
N SER B 189 -8.45 -3.54 1.03
CA SER B 189 -9.85 -3.30 0.69
C SER B 189 -9.94 -3.45 -0.82
N ALA B 190 -10.46 -4.60 -1.24
CA ALA B 190 -10.50 -4.95 -2.66
C ALA B 190 -11.75 -4.41 -3.30
N GLY B 191 -11.66 -4.04 -4.57
CA GLY B 191 -12.85 -3.75 -5.33
C GLY B 191 -13.63 -5.03 -5.59
N PRO B 192 -14.82 -4.91 -6.18
CA PRO B 192 -15.65 -6.07 -6.43
C PRO B 192 -15.04 -7.02 -7.47
N ILE B 193 -15.18 -8.31 -7.15
CA ILE B 193 -14.69 -9.41 -7.96
C ILE B 193 -15.72 -10.53 -7.87
N LYS B 194 -16.08 -11.11 -9.01
CA LYS B 194 -17.05 -12.20 -9.00
C LYS B 194 -16.44 -13.44 -8.36
N THR B 195 -16.85 -13.71 -7.13
CA THR B 195 -16.41 -14.89 -6.40
C THR B 195 -17.67 -15.63 -5.94
N LEU B 196 -17.48 -16.83 -5.38
CA LEU B 196 -18.59 -17.57 -4.81
C LEU B 196 -19.38 -16.78 -3.75
N ALA B 197 -18.66 -16.20 -2.79
CA ALA B 197 -19.29 -15.39 -1.74
C ALA B 197 -20.01 -14.16 -2.26
N ALA B 198 -19.53 -13.57 -3.34
CA ALA B 198 -20.14 -12.34 -3.91
C ALA B 198 -21.63 -12.53 -4.25
N SER B 199 -22.02 -13.74 -4.65
CA SER B 199 -23.42 -14.03 -4.98
C SER B 199 -24.39 -13.92 -3.79
N GLY B 200 -23.85 -13.95 -2.56
CA GLY B 200 -24.66 -13.68 -1.37
C GLY B 200 -25.13 -12.23 -1.25
N ILE B 201 -24.47 -11.31 -1.95
CA ILE B 201 -24.89 -9.91 -1.93
C ILE B 201 -25.91 -9.68 -3.03
N ALA B 202 -27.12 -9.29 -2.64
CA ALA B 202 -28.17 -8.97 -3.60
C ALA B 202 -27.65 -7.91 -4.55
N ASP B 203 -27.89 -8.12 -5.86
CA ASP B 203 -27.55 -7.13 -6.89
C ASP B 203 -26.04 -6.85 -6.94
N PHE B 204 -25.27 -7.91 -6.75
CA PHE B 204 -23.81 -7.80 -6.86
C PHE B 204 -23.37 -7.36 -8.26
N GLY B 205 -24.02 -7.90 -9.29
CA GLY B 205 -23.71 -7.56 -10.68
C GLY B 205 -23.77 -6.07 -10.97
N LYS B 206 -24.65 -5.35 -10.27
CA LYS B 206 -24.74 -3.90 -10.44
C LYS B 206 -23.61 -3.16 -9.74
N LEU B 207 -23.16 -3.68 -8.58
CA LEU B 207 -22.02 -3.07 -7.89
C LEU B 207 -20.84 -3.19 -8.81
N LEU B 208 -20.62 -4.41 -9.29
CA LEU B 208 -19.51 -4.73 -10.16
C LEU B 208 -19.48 -3.80 -11.38
N GLY B 209 -20.64 -3.60 -12.01
CA GLY B 209 -20.73 -2.74 -13.19
C GLY B 209 -20.49 -1.26 -12.91
N HIS B 210 -21.03 -0.76 -11.81
CA HIS B 210 -20.85 0.64 -11.45
CA HIS B 210 -20.84 0.66 -11.44
C HIS B 210 -19.36 0.98 -11.23
N VAL B 211 -18.65 0.09 -10.53
CA VAL B 211 -17.25 0.36 -10.24
C VAL B 211 -16.42 0.45 -11.53
N ALA B 212 -16.61 -0.50 -12.44
CA ALA B 212 -15.88 -0.49 -13.72
C ALA B 212 -16.17 0.77 -14.54
N ALA B 213 -17.36 1.31 -14.39
CA ALA B 213 -17.76 2.51 -15.14
C ALA B 213 -17.27 3.79 -14.49
N HIS B 214 -16.90 3.73 -13.21
CA HIS B 214 -16.66 4.96 -12.46
C HIS B 214 -15.30 5.11 -11.83
N ASN B 215 -14.48 4.07 -11.83
CA ASN B 215 -13.18 4.20 -11.18
C ASN B 215 -12.13 4.77 -12.15
N PRO B 216 -11.03 5.31 -11.62
CA PRO B 216 -9.99 5.87 -12.48
C PRO B 216 -9.50 4.93 -13.56
N LEU B 217 -9.36 3.64 -13.24
CA LEU B 217 -8.87 2.69 -14.25
C LEU B 217 -9.92 2.30 -15.27
N ARG B 218 -11.19 2.61 -15.00
CA ARG B 218 -12.31 2.23 -15.85
C ARG B 218 -12.40 0.73 -16.11
N ARG B 219 -12.09 -0.05 -15.07
CA ARG B 219 -12.23 -1.49 -15.10
C ARG B 219 -12.16 -2.03 -13.71
N ASN B 220 -12.65 -3.25 -13.52
CA ASN B 220 -12.51 -3.88 -12.22
C ASN B 220 -11.15 -4.52 -12.06
N VAL B 221 -10.81 -4.76 -10.80
CA VAL B 221 -9.53 -5.37 -10.46
C VAL B 221 -9.65 -6.88 -10.58
N THR B 222 -8.49 -7.53 -10.59
CA THR B 222 -8.41 -8.98 -10.67
C THR B 222 -7.89 -9.61 -9.38
N ILE B 223 -8.15 -10.90 -9.20
CA ILE B 223 -7.56 -11.62 -8.06
C ILE B 223 -6.03 -11.62 -8.14
N GLU B 224 -5.45 -11.52 -9.35
CA GLU B 224 -3.98 -11.37 -9.47
C GLU B 224 -3.48 -10.02 -8.90
N GLU B 225 -4.23 -8.96 -9.15
CA GLU B 225 -3.90 -7.63 -8.60
C GLU B 225 -3.99 -7.60 -7.08
N VAL B 226 -5.07 -8.18 -6.53
CA VAL B 226 -5.22 -8.31 -5.09
C VAL B 226 -4.11 -9.21 -4.55
N GLY B 227 -3.88 -10.32 -5.24
CA GLY B 227 -2.88 -11.30 -4.85
C GLY B 227 -1.47 -10.74 -4.79
N ASN B 228 -1.09 -9.96 -5.80
CA ASN B 228 0.24 -9.36 -5.85
C ASN B 228 0.44 -8.32 -4.73
N THR B 229 -0.63 -7.59 -4.43
CA THR B 229 -0.62 -6.67 -3.29
C THR B 229 -0.46 -7.43 -1.97
N ALA B 230 -1.20 -8.51 -1.79
CA ALA B 230 -1.04 -9.32 -0.57
C ALA B 230 0.39 -9.86 -0.48
N ALA B 231 0.93 -10.35 -1.60
CA ALA B 231 2.30 -10.87 -1.63
C ALA B 231 3.29 -9.81 -1.16
N PHE B 232 3.15 -8.59 -1.68
CA PHE B 232 3.96 -7.46 -1.22
C PHE B 232 3.82 -7.25 0.31
N LEU B 233 2.58 -7.21 0.79
CA LEU B 233 2.32 -6.96 2.23
C LEU B 233 2.77 -8.10 3.14
N LEU B 234 2.91 -9.29 2.56
CA LEU B 234 3.46 -10.43 3.28
C LEU B 234 4.99 -10.51 3.23
N SER B 235 5.60 -9.72 2.35
CA SER B 235 7.03 -9.78 2.14
C SER B 235 7.77 -8.76 2.98
N ASP B 236 9.08 -8.94 3.07
CA ASP B 236 9.94 -8.00 3.80
C ASP B 236 10.06 -6.66 3.09
N LEU B 237 9.63 -6.60 1.82
CA LEU B 237 9.57 -5.32 1.09
C LEU B 237 8.65 -4.30 1.77
N SER B 238 7.62 -4.79 2.47
CA SER B 238 6.66 -3.92 3.15
C SER B 238 6.94 -3.78 4.65
N SER B 239 8.19 -4.03 5.07
CA SER B 239 8.51 -4.07 6.51
C SER B 239 8.27 -2.76 7.27
N GLY B 240 8.14 -1.64 6.55
CA GLY B 240 7.80 -0.35 7.15
C GLY B 240 6.30 -0.08 7.29
N ILE B 241 5.47 -1.05 6.92
CA ILE B 241 4.03 -0.85 6.82
C ILE B 241 3.27 -1.75 7.76
N THR B 242 2.48 -1.18 8.66
CA THR B 242 1.62 -1.98 9.51
C THR B 242 0.40 -1.17 9.93
N GLY B 243 -0.69 -1.88 10.17
CA GLY B 243 -1.96 -1.25 10.53
C GLY B 243 -2.63 -0.51 9.37
N GLU B 244 -2.17 -0.76 8.16
CA GLU B 244 -2.62 -0.05 6.95
C GLU B 244 -3.75 -0.80 6.24
N ILE B 245 -4.72 -0.06 5.70
CA ILE B 245 -5.70 -0.62 4.77
C ILE B 245 -5.36 -0.09 3.37
N THR B 246 -4.99 -0.97 2.46
CA THR B 246 -4.62 -0.57 1.10
C THR B 246 -5.76 -0.88 0.14
N TYR B 247 -6.16 0.11 -0.65
CA TYR B 247 -7.28 -0.07 -1.57
C TYR B 247 -6.77 -0.59 -2.90
N VAL B 248 -7.29 -1.76 -3.28
CA VAL B 248 -6.99 -2.37 -4.57
C VAL B 248 -8.32 -2.46 -5.30
N ASP B 249 -8.79 -1.29 -5.72
CA ASP B 249 -10.10 -1.12 -6.35
C ASP B 249 -10.02 -0.21 -7.58
N GLY B 250 -8.82 -0.09 -8.16
CA GLY B 250 -8.59 0.73 -9.32
C GLY B 250 -8.87 2.20 -9.07
N GLY B 251 -8.72 2.63 -7.82
CA GLY B 251 -8.96 4.02 -7.45
C GLY B 251 -10.40 4.37 -7.16
N TYR B 252 -11.28 3.38 -7.08
CA TYR B 252 -12.72 3.67 -6.97
C TYR B 252 -13.03 4.57 -5.75
N SER B 253 -12.47 4.20 -4.59
CA SER B 253 -12.80 4.90 -3.34
C SER B 253 -12.37 6.36 -3.29
N ILE B 254 -11.41 6.76 -4.13
CA ILE B 254 -10.86 8.13 -4.07
C ILE B 254 -11.44 9.02 -5.15
N ASN B 255 -12.38 8.48 -5.92
CA ASN B 255 -13.04 9.17 -7.01
C ASN B 255 -14.45 9.52 -6.58
N ALA B 256 -15.00 10.64 -7.06
CA ALA B 256 -16.43 10.89 -6.86
C ALA B 256 -17.01 11.58 -8.08
N LEU B 257 -18.30 11.33 -8.31
CA LEU B 257 -19.06 12.06 -9.34
C LEU B 257 -18.47 11.91 -10.74
N SER B 258 -17.81 10.78 -11.04
CA SER B 258 -17.08 10.63 -12.31
C SER B 258 -17.98 10.50 -13.54
PA NAD C . 16.32 15.31 0.75
O1A NAD C . 16.83 16.62 1.25
O2A NAD C . 17.22 14.13 0.57
O5B NAD C . 15.52 15.56 -0.62
C5B NAD C . 14.78 16.75 -0.84
C4B NAD C . 14.98 17.02 -2.31
O4B NAD C . 14.11 18.06 -2.75
C3B NAD C . 16.40 17.47 -2.68
O3B NAD C . 16.98 16.65 -3.69
C2B NAD C . 16.21 18.87 -3.20
O2B NAD C . 17.27 19.29 -4.10
C1B NAD C . 14.79 18.74 -3.80
N9A NAD C . 14.32 20.07 -4.18
C8A NAD C . 14.16 21.11 -3.35
N7A NAD C . 13.77 22.20 -4.01
C5A NAD C . 13.70 21.87 -5.31
C6A NAD C . 13.36 22.57 -6.56
N6A NAD C . 12.99 23.87 -6.61
N1A NAD C . 13.40 21.84 -7.69
C2A NAD C . 13.75 20.54 -7.73
N3A NAD C . 14.09 19.84 -6.64
C4A NAD C . 14.07 20.46 -5.42
O3 NAD C . 15.08 15.02 1.74
PN NAD C . 13.97 13.84 1.70
O1N NAD C . 13.51 13.80 3.13
O2N NAD C . 14.51 12.63 0.99
O5D NAD C . 12.81 14.55 0.87
C5D NAD C . 12.16 13.88 -0.21
C4D NAD C . 10.66 13.93 -0.12
O4D NAD C . 10.26 13.13 1.00
C3D NAD C . 10.08 15.31 0.14
O3D NAD C . 8.86 15.41 -0.58
C2D NAD C . 9.79 15.33 1.62
O2D NAD C . 8.76 16.27 1.95
C1D NAD C . 9.32 13.90 1.75
N1N NAD C . 9.29 13.30 3.08
C2N NAD C . 10.39 13.24 3.85
C3N NAD C . 10.35 12.66 5.12
C7N NAD C . 11.55 12.56 6.02
O7N NAD C . 11.34 12.33 7.21
N7N NAD C . 12.80 12.70 5.55
C4N NAD C . 9.13 12.14 5.57
C5N NAD C . 8.00 12.22 4.75
C6N NAD C . 8.11 12.81 3.51
C1 TCL D . 8.70 15.69 6.43
C2 TCL D . 9.64 15.26 7.37
C6 TCL D . 9.14 16.30 5.26
C5 TCL D . 10.58 16.41 5.05
C4 TCL D . 11.48 15.96 6.01
C3 TCL D . 10.99 15.38 7.18
C11 TCL D . 11.57 21.11 3.83
C10 TCL D . 11.73 20.40 2.65
C9 TCL D . 11.53 19.04 2.68
C8 TCL D . 11.17 18.36 3.93
C12 TCL D . 11.24 20.49 5.02
C13 TCL D . 11.04 19.13 5.08
O7 TCL D . 11.02 17.00 3.90
CL14 TCL D . 9.08 14.50 8.88
CL15 TCL D . 11.84 22.85 3.78
CL16 TCL D . 11.73 18.08 1.23
O17 TCL D . 8.28 16.75 4.33
PA NAD E . -14.84 -16.82 -1.53
O1A NAD E . -16.25 -17.34 -1.44
O2A NAD E . -13.91 -17.31 -2.61
O5B NAD E . -14.20 -17.00 -0.08
C5B NAD E . -14.93 -16.76 1.12
C4B NAD E . -14.32 -17.74 2.09
O4B NAD E . -14.79 -17.53 3.43
C3B NAD E . -14.67 -19.18 1.70
O3B NAD E . -13.49 -19.94 1.50
C2B NAD E . -15.45 -19.67 2.89
O2B NAD E . -15.39 -21.09 3.07
C1B NAD E . -14.79 -18.82 3.99
N9A NAD E . -15.55 -18.99 5.22
C8A NAD E . -16.85 -18.67 5.37
N7A NAD E . -17.25 -18.98 6.62
C5A NAD E . -16.18 -19.51 7.25
C6A NAD E . -15.92 -20.06 8.59
N6A NAD E . -16.89 -20.11 9.53
N1A NAD E . -14.67 -20.51 8.86
C2A NAD E . -13.67 -20.49 7.96
N3A NAD E . -13.84 -20.01 6.71
C4A NAD E . -15.07 -19.52 6.32
O3 NAD E . -15.07 -15.23 -1.59
PN NAD E . -14.02 -14.02 -1.69
O1N NAD E . -14.76 -12.93 -2.44
O2N NAD E . -12.72 -14.52 -2.26
O5D NAD E . -13.88 -13.62 -0.15
C5D NAD E . -12.61 -13.54 0.54
C4D NAD E . -12.52 -12.28 1.38
O4D NAD E . -12.47 -11.16 0.48
C3D NAD E . -13.71 -12.03 2.27
O3D NAD E . -13.29 -11.46 3.51
C2D NAD E . -14.54 -11.02 1.53
O2D NAD E . -15.40 -10.31 2.43
C1D NAD E . -13.42 -10.19 0.94
N1N NAD E . -13.74 -9.31 -0.19
C2N NAD E . -14.27 -9.81 -1.31
C3N NAD E . -14.55 -8.97 -2.40
C7N NAD E . -15.13 -9.46 -3.69
O7N NAD E . -15.59 -8.61 -4.43
N7N NAD E . -15.16 -10.75 -4.03
C4N NAD E . -14.26 -7.61 -2.29
C5N NAD E . -13.70 -7.14 -1.11
C6N NAD E . -13.45 -8.02 -0.08
C1 TCL F . -17.53 -7.78 -0.68
C2 TCL F . -17.87 -7.95 -2.01
C6 TCL F . -17.37 -8.88 0.13
C5 TCL F . -17.56 -10.19 -0.48
C4 TCL F . -17.91 -10.35 -1.80
C3 TCL F . -18.06 -9.21 -2.58
C11 TCL F . -20.72 -12.84 2.27
C10 TCL F . -19.47 -13.40 2.52
C9 TCL F . -18.38 -12.85 1.88
C8 TCL F . -18.53 -11.71 0.97
C12 TCL F . -20.88 -11.77 1.41
C13 TCL F . -19.81 -11.20 0.76
O7 TCL F . -17.42 -11.23 0.36
CL14 TCL F . -18.06 -6.51 -3.02
CL15 TCL F . -22.11 -13.58 3.09
CL16 TCL F . -16.78 -13.54 2.14
O17 TCL F . -17.05 -8.79 1.44
#